data_8YEL
#
_entry.id   8YEL
#
_cell.length_a   1.00
_cell.length_b   1.00
_cell.length_c   1.00
_cell.angle_alpha   90.00
_cell.angle_beta   90.00
_cell.angle_gamma   90.00
#
_symmetry.space_group_name_H-M   'P 1'
#
loop_
_entity.id
_entity.type
_entity.pdbx_description
1 polymer 'Cation channel rhodopsin 4'
2 non-polymer RETINAL
3 non-polymer 1,2-DIACYL-SN-GLYCERO-3-PHOSPHOCHOLINE
4 water water
#
_entity_poly.entity_id   1
_entity_poly.type   'polypeptide(L)'
_entity_poly.pdbx_seq_one_letter_code
;MKTIIALSYIFCLVFADYKDDDDAMGTTSAPSLSDPNWQYGMGGWNNPRLPNFNLHDPTVIGVDWLGFLCLLGASLALMY
KLMSFKGPDGDQEFFVGYREEKCLSIYVNLIAAITYWGRICAHFNNDMGLSLSVNYFKYLDYIFTCPILTLDLLWSLNLP
YKITYSLFVGLTIACGVFCNAFEPPARYLWFMFGCFIFAFTWISIIRLVYARFQQFLNEDAKKIRAPLKLSLTLYFSIWC
GYPALWLLTEFGAISQLAAHVTTVIMDVAAKSVYGFALLKFQLGVDKRDVWLDELKSVRYRDVVPQIRPSKTREGRMEYS
EDGDFMRPSKGKRAEGDYMNPRWDHHDDGRRLPDSREMDEQVHEKDQEISSTMKQIADLNKQLSAMQESEAVENLYFQ
;
_entity_poly.pdbx_strand_id   A
#
loop_
_chem_comp.id
_chem_comp.type
_chem_comp.name
_chem_comp.formula
PC1 non-polymer 1,2-DIACYL-SN-GLYCERO-3-PHOSPHOCHOLINE 'C44 H88 N O8 P'
RET non-polymer RETINAL 'C20 H28 O'
#
# COMPACT_ATOMS: atom_id res chain seq x y z
N ALA A 30 23.02 32.13 -2.52
CA ALA A 30 23.36 31.51 -1.19
C ALA A 30 22.60 30.21 -0.96
N PRO A 31 21.26 30.16 -1.11
CA PRO A 31 20.56 28.89 -1.05
C PRO A 31 21.17 27.80 -1.93
N SER A 32 21.25 26.60 -1.37
CA SER A 32 21.77 25.41 -2.09
C SER A 32 21.09 24.17 -1.53
N LEU A 33 21.13 23.10 -2.31
CA LEU A 33 20.55 21.80 -1.93
C LEU A 33 21.50 21.02 -1.02
N SER A 34 22.69 21.54 -0.73
CA SER A 34 23.70 20.83 0.09
C SER A 34 23.99 21.67 1.33
N ASP A 35 23.30 21.39 2.42
CA ASP A 35 23.57 22.04 3.72
C ASP A 35 24.86 21.46 4.27
N PRO A 36 25.92 22.27 4.49
CA PRO A 36 27.19 21.72 4.96
C PRO A 36 27.24 21.41 6.46
N ASN A 37 26.11 21.48 7.15
CA ASN A 37 26.03 21.16 8.60
C ASN A 37 25.42 19.77 8.76
N TRP A 38 25.11 19.11 7.65
CA TRP A 38 24.44 17.79 7.66
C TRP A 38 25.17 16.84 6.72
N GLN A 39 25.03 15.56 6.99
CA GLN A 39 25.54 14.49 6.09
C GLN A 39 24.40 13.94 5.25
N TYR A 40 24.75 13.37 4.11
CA TYR A 40 23.76 12.84 3.16
C TYR A 40 24.21 11.46 2.69
N GLY A 41 23.23 10.64 2.33
CA GLY A 41 23.49 9.28 1.84
C GLY A 41 22.31 8.75 1.08
N MET A 42 22.08 7.45 1.18
CA MET A 42 20.95 6.80 0.49
C MET A 42 19.63 7.40 0.98
N GLY A 43 18.78 7.80 0.04
CA GLY A 43 17.42 8.28 0.35
C GLY A 43 17.39 9.70 0.87
N GLY A 44 18.51 10.42 0.84
CA GLY A 44 18.55 11.85 1.22
C GLY A 44 19.35 12.08 2.48
N TRP A 45 18.74 12.67 3.50
CA TRP A 45 19.47 13.02 4.73
C TRP A 45 19.98 11.76 5.43
N ASN A 46 21.21 11.83 5.91
CA ASN A 46 21.83 10.72 6.66
C ASN A 46 21.67 10.99 8.15
N ASN A 47 20.80 10.25 8.80
CA ASN A 47 20.59 10.38 10.25
C ASN A 47 21.89 10.02 10.97
N PRO A 48 22.45 10.92 11.81
CA PRO A 48 23.70 10.59 12.49
C PRO A 48 23.57 9.55 13.61
N ARG A 49 22.35 9.11 13.91
CA ARG A 49 22.12 8.12 15.00
C ARG A 49 21.86 6.72 14.45
N LEU A 50 21.47 6.57 13.19
CA LEU A 50 21.28 5.23 12.60
C LEU A 50 22.57 4.80 11.94
N PRO A 51 23.03 3.55 12.16
CA PRO A 51 24.17 3.04 11.41
C PRO A 51 23.79 2.75 9.96
N ASN A 52 24.81 2.67 9.12
CA ASN A 52 24.62 2.36 7.68
C ASN A 52 23.94 0.99 7.54
N PHE A 53 22.88 0.93 6.75
CA PHE A 53 22.11 -0.31 6.57
C PHE A 53 22.70 -1.09 5.39
N ASN A 54 23.24 -2.26 5.69
CA ASN A 54 23.86 -3.13 4.66
C ASN A 54 22.75 -3.73 3.80
N LEU A 55 22.56 -3.19 2.60
CA LEU A 55 21.49 -3.67 1.68
C LEU A 55 21.88 -5.02 1.07
N HIS A 56 23.12 -5.46 1.22
CA HIS A 56 23.61 -6.74 0.63
C HIS A 56 23.69 -7.83 1.70
N ASP A 57 22.75 -7.84 2.63
CA ASP A 57 22.71 -8.89 3.67
C ASP A 57 21.84 -10.04 3.17
N PRO A 58 22.20 -11.31 3.47
CA PRO A 58 21.38 -12.43 3.00
C PRO A 58 19.91 -12.33 3.41
N THR A 59 19.65 -11.84 4.62
CA THR A 59 18.26 -11.69 5.10
C THR A 59 17.48 -10.76 4.16
N VAL A 60 18.10 -9.64 3.78
CA VAL A 60 17.41 -8.65 2.94
C VAL A 60 17.14 -9.27 1.56
N ILE A 61 18.11 -9.93 0.99
CA ILE A 61 17.95 -10.53 -0.37
C ILE A 61 16.81 -11.56 -0.31
N GLY A 62 16.84 -12.43 0.70
CA GLY A 62 15.81 -13.47 0.84
C GLY A 62 14.42 -12.86 0.99
N VAL A 63 14.31 -11.86 1.85
CA VAL A 63 12.99 -11.25 2.14
C VAL A 63 12.49 -10.54 0.88
N ASP A 64 13.36 -9.85 0.17
CA ASP A 64 12.93 -9.14 -1.07
C ASP A 64 12.49 -10.16 -2.12
N TRP A 65 13.22 -11.25 -2.26
CA TRP A 65 12.83 -12.32 -3.20
C TRP A 65 11.45 -12.87 -2.82
N LEU A 66 11.24 -13.13 -1.53
CA LEU A 66 9.95 -13.67 -1.06
C LEU A 66 8.83 -12.68 -1.37
N GLY A 67 9.05 -11.40 -1.10
CA GLY A 67 8.02 -10.37 -1.37
C GLY A 67 7.70 -10.28 -2.84
N PHE A 68 8.73 -10.27 -3.69
CA PHE A 68 8.51 -10.21 -5.15
C PHE A 68 7.71 -11.43 -5.61
N LEU A 69 8.11 -12.61 -5.15
CA LEU A 69 7.40 -13.85 -5.56
C LEU A 69 5.93 -13.77 -5.11
N CYS A 70 5.69 -13.36 -3.88
CA CYS A 70 4.30 -13.29 -3.35
C CYS A 70 3.48 -12.32 -4.20
N LEU A 71 4.00 -11.12 -4.43
CA LEU A 71 3.22 -10.10 -5.19
C LEU A 71 2.98 -10.59 -6.62
N LEU A 72 4.00 -11.12 -7.28
CA LEU A 72 3.85 -11.55 -8.69
C LEU A 72 2.86 -12.72 -8.76
N GLY A 73 2.96 -13.69 -7.87
CA GLY A 73 2.04 -14.83 -7.86
C GLY A 73 0.60 -14.36 -7.63
N ALA A 74 0.42 -13.46 -6.68
CA ALA A 74 -0.94 -12.92 -6.39
C ALA A 74 -1.48 -12.21 -7.63
N SER A 75 -0.65 -11.40 -8.29
CA SER A 75 -1.09 -10.68 -9.51
C SER A 75 -1.49 -11.67 -10.59
N LEU A 76 -0.67 -12.69 -10.82
CA LEU A 76 -0.94 -13.66 -11.91
C LEU A 76 -2.23 -14.44 -11.58
N ALA A 77 -2.39 -14.87 -10.33
CA ALA A 77 -3.59 -15.65 -9.94
C ALA A 77 -4.84 -14.78 -10.06
N LEU A 78 -4.77 -13.53 -9.61
CA LEU A 78 -5.92 -12.60 -9.77
C LEU A 78 -6.25 -12.43 -11.25
N MET A 79 -5.24 -12.23 -12.09
CA MET A 79 -5.47 -12.00 -13.53
C MET A 79 -6.14 -13.23 -14.12
N TYR A 80 -5.64 -14.41 -13.80
CA TYR A 80 -6.21 -15.67 -14.35
C TYR A 80 -7.67 -15.81 -13.89
N LYS A 81 -7.91 -15.59 -12.61
CA LYS A 81 -9.27 -15.81 -12.05
C LYS A 81 -10.25 -14.77 -12.59
N LEU A 82 -9.77 -13.57 -12.91
CA LEU A 82 -10.69 -12.51 -13.42
C LEU A 82 -10.95 -12.71 -14.91
N MET A 83 -9.91 -12.74 -15.72
CA MET A 83 -10.08 -12.80 -17.20
C MET A 83 -10.80 -14.10 -17.59
N SER A 84 -10.69 -15.14 -16.78
CA SER A 84 -11.30 -16.45 -17.09
C SER A 84 -12.78 -16.49 -16.68
N PHE A 85 -13.27 -15.47 -16.00
CA PHE A 85 -14.69 -15.44 -15.58
C PHE A 85 -15.57 -15.16 -16.80
N LYS A 86 -16.58 -16.00 -17.01
CA LYS A 86 -17.44 -15.93 -18.21
C LYS A 86 -18.79 -15.28 -17.89
N GLY A 87 -18.95 -14.71 -16.69
CA GLY A 87 -20.17 -13.98 -16.35
C GLY A 87 -21.14 -14.84 -15.54
N PRO A 88 -22.19 -14.21 -14.99
CA PRO A 88 -23.15 -14.94 -14.16
C PRO A 88 -23.83 -16.10 -14.92
N ASP A 89 -24.13 -15.89 -16.21
CA ASP A 89 -24.86 -16.88 -17.02
C ASP A 89 -23.91 -17.74 -17.84
N GLY A 90 -22.61 -17.53 -17.75
CA GLY A 90 -21.63 -18.37 -18.46
C GLY A 90 -21.78 -18.27 -19.97
N ASP A 91 -21.90 -17.05 -20.49
CA ASP A 91 -21.87 -16.84 -21.96
C ASP A 91 -21.09 -15.59 -22.35
N GLN A 92 -20.57 -14.82 -21.39
CA GLN A 92 -19.94 -13.50 -21.70
C GLN A 92 -18.44 -13.64 -21.60
N GLU A 93 -17.81 -13.93 -22.72
CA GLU A 93 -16.34 -13.75 -22.84
C GLU A 93 -16.01 -12.28 -22.66
N PHE A 94 -14.87 -12.01 -22.01
CA PHE A 94 -14.41 -10.64 -21.71
C PHE A 94 -15.45 -9.96 -20.82
N PHE A 95 -16.07 -10.73 -19.94
CA PHE A 95 -17.03 -10.19 -18.95
C PHE A 95 -16.37 -9.11 -18.09
N VAL A 96 -15.16 -9.38 -17.62
CA VAL A 96 -14.43 -8.42 -16.76
C VAL A 96 -13.74 -7.38 -17.66
N GLY A 97 -13.44 -7.74 -18.91
CA GLY A 97 -12.77 -6.79 -19.83
C GLY A 97 -13.58 -5.54 -20.04
N TYR A 98 -14.90 -5.67 -20.13
CA TYR A 98 -15.81 -4.52 -20.32
C TYR A 98 -16.26 -3.95 -18.98
N ARG A 99 -15.85 -4.57 -17.88
CA ARG A 99 -16.06 -4.03 -16.51
C ARG A 99 -14.70 -3.94 -15.85
N GLU A 100 -14.06 -2.81 -16.13
CA GLU A 100 -12.65 -2.50 -15.80
C GLU A 100 -12.45 -2.34 -14.29
N GLU A 101 -13.45 -1.83 -13.58
CA GLU A 101 -13.29 -1.53 -12.13
C GLU A 101 -12.97 -2.80 -11.34
N LYS A 102 -13.29 -3.98 -11.89
CA LYS A 102 -12.98 -5.25 -11.22
C LYS A 102 -11.48 -5.59 -11.29
N CYS A 103 -10.79 -5.09 -12.31
CA CYS A 103 -9.35 -5.37 -12.52
C CYS A 103 -8.48 -4.41 -11.71
N LEU A 104 -9.05 -3.42 -11.03
CA LEU A 104 -8.24 -2.38 -10.36
C LEU A 104 -7.33 -3.03 -9.30
N SER A 105 -7.70 -4.17 -8.76
CA SER A 105 -6.84 -4.90 -7.81
C SER A 105 -5.53 -5.32 -8.49
N ILE A 106 -5.63 -5.90 -9.68
CA ILE A 106 -4.47 -6.54 -10.34
C ILE A 106 -3.34 -5.52 -10.43
N TYR A 107 -3.63 -4.33 -10.93
CA TYR A 107 -2.58 -3.31 -11.15
C TYR A 107 -1.87 -3.04 -9.82
N VAL A 108 -2.62 -2.92 -8.74
CA VAL A 108 -2.02 -2.58 -7.43
C VAL A 108 -0.92 -3.59 -7.13
N ASN A 109 -1.17 -4.86 -7.39
CA ASN A 109 -0.13 -5.89 -7.18
C ASN A 109 1.00 -5.72 -8.20
N LEU A 110 0.64 -5.65 -9.47
CA LEU A 110 1.66 -5.73 -10.55
C LEU A 110 2.69 -4.62 -10.37
N ILE A 111 2.23 -3.39 -10.22
CA ILE A 111 3.16 -2.25 -10.01
C ILE A 111 4.09 -2.58 -8.85
N ALA A 112 3.51 -3.00 -7.73
CA ALA A 112 4.32 -3.36 -6.54
C ALA A 112 5.39 -4.36 -6.95
N ALA A 113 5.00 -5.42 -7.65
CA ALA A 113 5.95 -6.45 -8.08
C ALA A 113 7.11 -5.77 -8.82
N ILE A 114 6.80 -4.91 -9.77
CA ILE A 114 7.87 -4.23 -10.56
C ILE A 114 8.82 -3.54 -9.59
N THR A 115 8.27 -2.78 -8.64
CA THR A 115 9.12 -2.10 -7.65
C THR A 115 10.04 -3.13 -6.99
N TYR A 116 9.48 -4.21 -6.49
CA TYR A 116 10.29 -5.25 -5.82
C TYR A 116 11.29 -5.84 -6.80
N TRP A 117 10.90 -6.02 -8.05
CA TRP A 117 11.85 -6.50 -9.08
C TRP A 117 13.10 -5.63 -9.06
N GLY A 118 12.93 -4.31 -8.99
CA GLY A 118 14.08 -3.39 -8.93
C GLY A 118 15.04 -3.79 -7.83
N ARG A 119 14.50 -4.05 -6.64
CA ARG A 119 15.34 -4.48 -5.50
C ARG A 119 16.21 -5.66 -5.95
N ILE A 120 15.57 -6.68 -6.51
CA ILE A 120 16.32 -7.89 -6.94
C ILE A 120 17.41 -7.47 -7.91
N CYS A 121 17.08 -6.62 -8.87
CA CYS A 121 18.09 -6.14 -9.84
C CYS A 121 19.24 -5.47 -9.10
N ALA A 122 18.93 -4.60 -8.14
CA ALA A 122 19.96 -3.89 -7.36
C ALA A 122 20.85 -4.90 -6.63
N HIS A 123 20.36 -6.06 -6.24
CA HIS A 123 21.30 -7.01 -5.59
C HIS A 123 22.17 -7.69 -6.64
N PHE A 124 21.68 -7.95 -7.86
CA PHE A 124 22.56 -8.56 -8.89
C PHE A 124 23.68 -7.59 -9.27
N ASN A 125 23.49 -6.30 -9.04
CA ASN A 125 24.51 -5.27 -9.35
C ASN A 125 25.32 -4.91 -8.10
N ASN A 126 25.35 -5.80 -7.10
CA ASN A 126 26.08 -5.59 -5.82
C ASN A 126 25.51 -4.40 -5.05
N ASP A 127 24.22 -4.10 -5.21
CA ASP A 127 23.58 -2.96 -4.49
C ASP A 127 24.37 -1.68 -4.78
N MET A 128 24.57 -1.40 -6.06
CA MET A 128 25.53 -0.36 -6.50
C MET A 128 24.93 0.41 -7.66
N GLY A 129 25.46 1.62 -7.85
CA GLY A 129 25.22 2.47 -9.02
C GLY A 129 23.77 2.86 -9.22
N LEU A 130 23.38 3.12 -10.46
CA LEU A 130 22.07 3.74 -10.78
C LEU A 130 20.93 2.76 -10.52
N SER A 131 21.21 1.47 -10.41
CA SER A 131 20.15 0.44 -10.23
C SER A 131 19.35 0.72 -8.96
N LEU A 132 19.98 1.32 -7.96
CA LEU A 132 19.30 1.63 -6.68
C LEU A 132 18.20 2.69 -6.89
N SER A 133 18.25 3.44 -7.99
CA SER A 133 17.34 4.59 -8.20
C SER A 133 15.87 4.16 -8.11
N VAL A 134 15.56 2.90 -8.34
CA VAL A 134 14.16 2.44 -8.33
C VAL A 134 13.61 2.56 -6.91
N ASN A 135 14.44 2.32 -5.90
CA ASN A 135 14.01 2.37 -4.49
C ASN A 135 14.91 3.31 -3.70
N TYR A 136 15.40 4.36 -4.32
CA TYR A 136 16.30 5.32 -3.64
C TYR A 136 15.52 6.06 -2.55
N PHE A 137 14.32 6.54 -2.86
CA PHE A 137 13.52 7.35 -1.92
C PHE A 137 12.46 6.46 -1.28
N LYS A 138 12.47 6.42 0.05
CA LYS A 138 11.50 5.60 0.81
C LYS A 138 10.09 6.12 0.58
N TYR A 139 9.15 5.19 0.45
CA TYR A 139 7.68 5.45 0.32
C TYR A 139 7.34 6.04 -1.06
N LEU A 140 8.29 6.29 -1.94
CA LEU A 140 7.96 6.82 -3.28
C LEU A 140 7.22 5.76 -4.09
N ASP A 141 7.60 4.51 -3.97
CA ASP A 141 6.94 3.41 -4.70
C ASP A 141 5.46 3.34 -4.33
N TYR A 142 5.11 3.74 -3.11
CA TYR A 142 3.71 3.69 -2.63
C TYR A 142 2.84 4.74 -3.32
N ILE A 143 3.43 5.68 -4.04
CA ILE A 143 2.63 6.77 -4.66
C ILE A 143 1.67 6.19 -5.71
N PHE A 144 2.07 5.12 -6.39
CA PHE A 144 1.28 4.56 -7.52
C PHE A 144 0.44 3.37 -7.08
N THR A 145 0.44 3.01 -5.80
CA THR A 145 -0.30 1.81 -5.32
C THR A 145 -1.39 2.18 -4.33
N CYS A 146 -1.05 2.91 -3.27
CA CYS A 146 -2.02 3.20 -2.19
C CYS A 146 -3.24 3.94 -2.72
N PRO A 147 -3.10 5.00 -3.56
CA PRO A 147 -4.29 5.66 -4.09
C PRO A 147 -5.20 4.70 -4.88
N ILE A 148 -4.61 3.79 -5.64
CA ILE A 148 -5.42 2.83 -6.44
C ILE A 148 -6.07 1.83 -5.48
N LEU A 149 -5.37 1.39 -4.46
CA LEU A 149 -5.96 0.44 -3.48
C LEU A 149 -7.16 1.10 -2.79
N THR A 150 -7.01 2.34 -2.35
CA THR A 150 -8.11 3.07 -1.69
C THR A 150 -9.27 3.25 -2.68
N LEU A 151 -8.96 3.62 -3.91
CA LEU A 151 -10.01 3.85 -4.94
C LEU A 151 -10.79 2.54 -5.16
N ASP A 152 -10.09 1.43 -5.32
CA ASP A 152 -10.75 0.13 -5.56
C ASP A 152 -11.58 -0.27 -4.35
N LEU A 153 -11.04 -0.08 -3.15
CA LEU A 153 -11.78 -0.47 -1.92
C LEU A 153 -13.07 0.35 -1.83
N LEU A 154 -12.99 1.65 -2.09
CA LEU A 154 -14.20 2.51 -1.94
C LEU A 154 -15.17 2.27 -3.09
N TRP A 155 -14.67 1.94 -4.27
CA TRP A 155 -15.55 1.69 -5.45
C TRP A 155 -16.26 0.35 -5.30
N SER A 156 -15.57 -0.67 -4.82
CA SER A 156 -16.16 -2.03 -4.68
C SER A 156 -17.38 -1.98 -3.76
N LEU A 157 -17.28 -1.25 -2.65
CA LEU A 157 -18.38 -1.16 -1.67
C LEU A 157 -19.36 -0.04 -2.02
N ASN A 158 -19.10 0.72 -3.08
CA ASN A 158 -20.01 1.82 -3.52
C ASN A 158 -20.14 2.84 -2.39
N LEU A 159 -19.02 3.46 -2.03
CA LEU A 159 -18.96 4.43 -0.92
C LEU A 159 -18.70 5.82 -1.46
N PRO A 160 -19.09 6.87 -0.72
CA PRO A 160 -18.87 8.23 -1.18
C PRO A 160 -17.40 8.67 -1.05
N TYR A 161 -17.09 9.77 -1.70
CA TYR A 161 -15.73 10.39 -1.67
C TYR A 161 -14.71 9.33 -2.09
N LYS A 162 -15.06 8.55 -3.09
CA LYS A 162 -14.22 7.41 -3.53
C LYS A 162 -12.87 7.90 -4.06
N ILE A 163 -12.82 9.06 -4.69
CA ILE A 163 -11.53 9.56 -5.25
C ILE A 163 -10.89 10.58 -4.31
N THR A 164 -11.69 11.37 -3.61
CA THR A 164 -11.16 12.42 -2.72
C THR A 164 -10.21 11.80 -1.69
N TYR A 165 -10.62 10.67 -1.12
CA TYR A 165 -9.79 9.97 -0.12
C TYR A 165 -8.59 9.34 -0.79
N SER A 166 -8.72 8.89 -2.03
CA SER A 166 -7.58 8.38 -2.81
C SER A 166 -6.53 9.49 -2.96
N LEU A 167 -6.97 10.67 -3.34
CA LEU A 167 -6.03 11.82 -3.48
C LEU A 167 -5.43 12.16 -2.11
N PHE A 168 -6.23 12.12 -1.06
CA PHE A 168 -5.71 12.42 0.30
C PHE A 168 -4.62 11.41 0.67
N VAL A 169 -4.83 10.15 0.35
CA VAL A 169 -3.82 9.10 0.63
C VAL A 169 -2.57 9.39 -0.21
N GLY A 170 -2.74 9.79 -1.45
CA GLY A 170 -1.59 10.15 -2.31
C GLY A 170 -0.79 11.29 -1.72
N LEU A 171 -1.48 12.33 -1.23
CA LEU A 171 -0.80 13.48 -0.60
C LEU A 171 -0.10 13.00 0.69
N THR A 172 -0.70 12.08 1.40
CA THR A 172 -0.04 11.48 2.60
C THR A 172 1.27 10.80 2.17
N ILE A 173 1.24 10.05 1.09
CA ILE A 173 2.46 9.34 0.61
C ILE A 173 3.52 10.37 0.23
N ALA A 174 3.12 11.44 -0.45
CA ALA A 174 4.06 12.50 -0.86
C ALA A 174 4.66 13.15 0.40
N CYS A 175 3.83 13.41 1.40
CA CYS A 175 4.30 13.99 2.68
C CYS A 175 5.33 13.07 3.32
N GLY A 176 5.06 11.77 3.33
CA GLY A 176 6.02 10.80 3.89
C GLY A 176 7.32 10.78 3.13
N VAL A 177 7.25 10.87 1.81
CA VAL A 177 8.47 10.89 0.96
C VAL A 177 9.31 12.11 1.35
N PHE A 178 8.70 13.28 1.39
CA PHE A 178 9.43 14.50 1.78
C PHE A 178 9.99 14.34 3.20
N CYS A 179 9.21 13.78 4.10
CA CYS A 179 9.62 13.60 5.51
C CYS A 179 10.91 12.76 5.57
N ASN A 180 10.91 11.62 4.90
CA ASN A 180 12.09 10.73 4.97
C ASN A 180 13.26 11.34 4.21
N ALA A 181 13.00 12.16 3.20
CA ALA A 181 14.09 12.74 2.38
C ALA A 181 14.79 13.88 3.14
N PHE A 182 14.06 14.66 3.92
CA PHE A 182 14.57 15.97 4.39
C PHE A 182 15.19 15.87 5.78
N GLU A 183 15.80 16.98 6.19
CA GLU A 183 16.55 17.11 7.45
C GLU A 183 15.57 17.29 8.61
N PRO A 184 16.04 17.08 9.86
CA PRO A 184 15.14 16.84 10.98
C PRO A 184 13.94 17.78 11.06
N PRO A 185 14.13 19.11 11.05
CA PRO A 185 13.00 20.01 11.34
C PRO A 185 11.88 19.87 10.32
N ALA A 186 12.21 20.10 9.05
CA ALA A 186 11.23 19.97 7.94
C ALA A 186 10.74 18.53 7.87
N ARG A 187 11.61 17.57 8.18
CA ARG A 187 11.21 16.15 8.19
C ARG A 187 10.03 15.94 9.15
N TYR A 188 10.17 16.40 10.38
CA TYR A 188 9.12 16.23 11.40
C TYR A 188 7.88 17.04 11.03
N LEU A 189 8.06 18.24 10.48
CA LEU A 189 6.88 19.05 10.07
C LEU A 189 6.09 18.32 8.98
N TRP A 190 6.78 17.79 7.99
CA TRP A 190 6.11 17.02 6.91
C TRP A 190 5.43 15.78 7.49
N PHE A 191 6.08 15.11 8.43
CA PHE A 191 5.49 13.93 9.07
C PHE A 191 4.17 14.32 9.77
N MET A 192 4.18 15.43 10.48
CA MET A 192 2.98 15.92 11.21
C MET A 192 1.86 16.23 10.21
N PHE A 193 2.19 16.91 9.11
CA PHE A 193 1.19 17.27 8.09
C PHE A 193 0.54 15.98 7.54
N GLY A 194 1.38 15.07 7.07
CA GLY A 194 0.88 13.78 6.54
C GLY A 194 0.09 13.02 7.58
N CYS A 195 0.51 13.11 8.83
CA CYS A 195 -0.16 12.37 9.93
C CYS A 195 -1.59 12.86 10.10
N PHE A 196 -1.81 14.17 10.15
CA PHE A 196 -3.21 14.65 10.31
C PHE A 196 -4.02 14.29 9.06
N ILE A 197 -3.44 14.45 7.88
CA ILE A 197 -4.21 14.15 6.64
C ILE A 197 -4.65 12.68 6.70
N PHE A 198 -3.71 11.80 7.01
CA PHE A 198 -4.02 10.34 7.06
C PHE A 198 -5.03 10.05 8.16
N ALA A 199 -4.88 10.67 9.33
CA ALA A 199 -5.81 10.42 10.45
C ALA A 199 -7.24 10.75 10.00
N PHE A 200 -7.44 11.94 9.45
CA PHE A 200 -8.78 12.36 9.02
C PHE A 200 -9.31 11.37 7.97
N THR A 201 -8.53 11.12 6.92
CA THR A 201 -9.02 10.29 5.80
C THR A 201 -9.33 8.88 6.30
N TRP A 202 -8.49 8.33 7.14
CA TRP A 202 -8.64 6.92 7.59
C TRP A 202 -9.84 6.78 8.53
N ILE A 203 -10.03 7.74 9.42
CA ILE A 203 -11.22 7.68 10.32
C ILE A 203 -12.48 7.77 9.45
N SER A 204 -12.50 8.66 8.47
CA SER A 204 -13.67 8.81 7.57
C SER A 204 -13.92 7.48 6.84
N ILE A 205 -12.87 6.90 6.28
CA ILE A 205 -13.01 5.65 5.50
C ILE A 205 -13.52 4.53 6.41
N ILE A 206 -12.98 4.44 7.61
CA ILE A 206 -13.38 3.35 8.55
C ILE A 206 -14.85 3.51 8.89
N ARG A 207 -15.28 4.73 9.17
CA ARG A 207 -16.71 4.97 9.51
C ARG A 207 -17.59 4.57 8.32
N LEU A 208 -17.21 4.96 7.11
CA LEU A 208 -18.01 4.61 5.91
C LEU A 208 -18.07 3.09 5.75
N VAL A 209 -16.94 2.42 5.90
CA VAL A 209 -16.88 0.95 5.67
C VAL A 209 -17.73 0.24 6.73
N TYR A 210 -17.64 0.67 7.98
CA TYR A 210 -18.47 0.05 9.05
C TYR A 210 -19.95 0.28 8.75
N ALA A 211 -20.31 1.48 8.32
CA ALA A 211 -21.73 1.78 7.99
C ALA A 211 -22.19 0.83 6.87
N ARG A 212 -21.36 0.65 5.85
CA ARG A 212 -21.74 -0.23 4.72
C ARG A 212 -21.87 -1.68 5.19
N PHE A 213 -20.92 -2.14 6.01
CA PHE A 213 -20.86 -3.58 6.37
C PHE A 213 -21.81 -3.95 7.49
N GLN A 214 -22.39 -2.98 8.20
CA GLN A 214 -23.39 -3.31 9.23
C GLN A 214 -24.68 -3.85 8.59
N GLN A 215 -24.83 -3.72 7.28
CA GLN A 215 -26.02 -4.25 6.56
C GLN A 215 -25.77 -5.69 6.13
N PHE A 216 -24.53 -6.02 5.76
CA PHE A 216 -24.15 -7.38 5.27
C PHE A 216 -24.49 -8.44 6.30
N LEU A 217 -24.36 -8.10 7.58
CA LEU A 217 -24.49 -9.07 8.69
C LEU A 217 -25.71 -9.97 8.49
N ASN A 218 -26.79 -9.41 7.93
CA ASN A 218 -28.01 -10.18 7.61
C ASN A 218 -27.65 -11.52 6.96
N LYS A 223 -22.21 -16.51 12.28
CA LYS A 223 -20.85 -17.10 12.32
C LYS A 223 -19.85 -16.13 11.68
N ILE A 224 -20.28 -15.43 10.64
CA ILE A 224 -19.42 -14.55 9.84
C ILE A 224 -18.99 -13.31 10.64
N ARG A 225 -19.69 -13.00 11.71
CA ARG A 225 -19.57 -11.68 12.37
C ARG A 225 -18.16 -11.52 12.95
N ALA A 226 -17.72 -12.46 13.77
CA ALA A 226 -16.40 -12.38 14.42
C ALA A 226 -15.28 -12.43 13.36
N PRO A 227 -15.23 -13.42 12.46
CA PRO A 227 -14.20 -13.41 11.42
C PRO A 227 -14.16 -12.13 10.58
N LEU A 228 -15.34 -11.62 10.20
CA LEU A 228 -15.41 -10.40 9.36
C LEU A 228 -14.85 -9.21 10.15
N LYS A 229 -15.27 -9.07 11.41
CA LYS A 229 -14.80 -7.95 12.25
C LYS A 229 -13.29 -8.05 12.45
N LEU A 230 -12.78 -9.24 12.72
CA LEU A 230 -11.33 -9.43 12.95
C LEU A 230 -10.57 -9.06 11.67
N SER A 231 -11.03 -9.54 10.53
CA SER A 231 -10.36 -9.25 9.24
C SER A 231 -10.36 -7.74 8.99
N LEU A 232 -11.50 -7.09 9.19
CA LEU A 232 -11.62 -5.63 8.92
C LEU A 232 -10.69 -4.85 9.84
N THR A 233 -10.74 -5.13 11.15
CA THR A 233 -9.93 -4.35 12.12
C THR A 233 -8.45 -4.61 11.86
N LEU A 234 -8.07 -5.84 11.55
CA LEU A 234 -6.62 -6.14 11.34
C LEU A 234 -6.16 -5.49 10.04
N TYR A 235 -6.99 -5.46 9.01
CA TYR A 235 -6.62 -4.79 7.74
C TYR A 235 -6.42 -3.30 7.99
N PHE A 236 -7.28 -2.68 8.79
CA PHE A 236 -7.10 -1.26 9.15
C PHE A 236 -5.82 -1.07 9.95
N SER A 237 -5.56 -1.98 10.89
CA SER A 237 -4.35 -1.91 11.74
C SER A 237 -3.08 -2.00 10.88
N ILE A 238 -3.11 -2.82 9.83
CA ILE A 238 -1.91 -2.97 8.96
C ILE A 238 -1.60 -1.63 8.32
N TRP A 239 -2.61 -0.93 7.82
CA TRP A 239 -2.39 0.44 7.27
C TRP A 239 -1.88 1.37 8.36
N CYS A 240 -2.49 1.33 9.54
CA CYS A 240 -2.11 2.25 10.64
C CYS A 240 -0.67 1.99 11.11
N GLY A 241 -0.13 0.80 10.86
CA GLY A 241 1.20 0.40 11.37
C GLY A 241 2.36 0.99 10.60
N TYR A 242 2.15 1.65 9.47
CA TYR A 242 3.29 2.22 8.70
C TYR A 242 3.91 3.41 9.44
N PRO A 243 3.16 4.47 9.77
CA PRO A 243 3.74 5.57 10.53
C PRO A 243 4.34 5.14 11.87
N ALA A 244 3.73 4.13 12.51
CA ALA A 244 4.29 3.56 13.75
C ALA A 244 5.68 2.97 13.47
N LEU A 245 5.82 2.27 12.35
CA LEU A 245 7.14 1.69 11.98
C LEU A 245 8.13 2.81 11.71
N TRP A 246 7.71 3.86 11.02
CA TRP A 246 8.61 4.99 10.75
C TRP A 246 9.09 5.61 12.06
N LEU A 247 8.17 5.84 12.99
CA LEU A 247 8.53 6.44 14.30
C LEU A 247 9.48 5.51 15.05
N LEU A 248 9.21 4.21 15.04
CA LEU A 248 10.09 3.26 15.77
C LEU A 248 11.48 3.26 15.14
N THR A 249 11.58 3.29 13.83
CA THR A 249 12.89 3.29 13.14
C THR A 249 13.63 4.59 13.44
N GLU A 250 12.91 5.72 13.45
CA GLU A 250 13.57 7.04 13.55
C GLU A 250 14.38 7.14 14.85
N PHE A 251 13.84 6.64 15.95
CA PHE A 251 14.42 6.86 17.29
C PHE A 251 15.13 5.61 17.82
N GLY A 252 15.54 4.70 16.93
CA GLY A 252 16.42 3.58 17.29
C GLY A 252 15.76 2.55 18.20
N ALA A 253 14.44 2.42 18.15
CA ALA A 253 13.74 1.35 18.91
C ALA A 253 13.88 0.03 18.13
N ILE A 254 13.36 0.01 16.91
CA ILE A 254 13.45 -1.18 16.03
C ILE A 254 14.64 -0.98 15.11
N SER A 255 15.40 -2.05 14.91
CA SER A 255 16.56 -2.04 13.99
C SER A 255 16.08 -1.90 12.54
N GLN A 256 16.97 -1.42 11.69
CA GLN A 256 16.63 -1.16 10.27
C GLN A 256 16.32 -2.48 9.55
N LEU A 257 17.04 -3.54 9.86
CA LEU A 257 16.79 -4.86 9.23
C LEU A 257 15.38 -5.34 9.61
N ALA A 258 15.04 -5.27 10.89
CA ALA A 258 13.71 -5.67 11.37
C ALA A 258 12.65 -4.79 10.71
N ALA A 259 12.91 -3.49 10.58
CA ALA A 259 11.96 -2.57 9.92
C ALA A 259 11.75 -2.99 8.46
N HIS A 260 12.82 -3.36 7.77
CA HIS A 260 12.72 -3.79 6.36
C HIS A 260 11.86 -5.05 6.25
N VAL A 261 12.13 -6.03 7.10
CA VAL A 261 11.39 -7.31 7.04
C VAL A 261 9.91 -7.04 7.35
N THR A 262 9.64 -6.25 8.38
CA THR A 262 8.25 -5.95 8.78
C THR A 262 7.55 -5.17 7.67
N THR A 263 8.25 -4.26 7.02
CA THR A 263 7.65 -3.49 5.90
C THR A 263 7.28 -4.44 4.77
N VAL A 264 8.15 -5.38 4.44
CA VAL A 264 7.86 -6.34 3.35
C VAL A 264 6.63 -7.16 3.73
N ILE A 265 6.58 -7.64 4.97
CA ILE A 265 5.42 -8.47 5.42
C ILE A 265 4.14 -7.63 5.35
N MET A 266 4.19 -6.38 5.82
CA MET A 266 2.99 -5.52 5.82
C MET A 266 2.55 -5.26 4.36
N ASP A 267 3.48 -4.99 3.46
CA ASP A 267 3.12 -4.77 2.04
C ASP A 267 2.42 -6.01 1.49
N VAL A 268 2.98 -7.18 1.73
CA VAL A 268 2.39 -8.44 1.21
C VAL A 268 0.98 -8.58 1.79
N ALA A 269 0.84 -8.45 3.10
CA ALA A 269 -0.46 -8.65 3.78
C ALA A 269 -1.48 -7.64 3.24
N ALA A 270 -1.07 -6.38 3.07
CA ALA A 270 -2.00 -5.31 2.66
C ALA A 270 -2.47 -5.52 1.21
N LYS A 271 -1.59 -5.99 0.33
CA LYS A 271 -1.88 -5.99 -1.12
C LYS A 271 -2.33 -7.36 -1.63
N SER A 272 -1.58 -8.42 -1.34
CA SER A 272 -1.88 -9.76 -1.90
C SER A 272 -3.26 -10.25 -1.44
N VAL A 273 -3.49 -10.24 -0.14
CA VAL A 273 -4.75 -10.83 0.42
C VAL A 273 -5.94 -10.00 -0.06
N TYR A 274 -5.86 -8.69 0.11
CA TYR A 274 -6.99 -7.76 -0.17
C TYR A 274 -7.72 -8.12 -1.46
N GLY A 275 -6.98 -8.28 -2.56
CA GLY A 275 -7.58 -8.54 -3.88
C GLY A 275 -8.32 -9.87 -3.91
N PHE A 276 -7.68 -10.92 -3.40
CA PHE A 276 -8.30 -12.25 -3.23
C PHE A 276 -9.54 -12.19 -2.35
N ALA A 277 -9.49 -11.42 -1.26
CA ALA A 277 -10.67 -11.26 -0.38
C ALA A 277 -11.82 -10.63 -1.16
N LEU A 278 -11.53 -9.61 -1.96
CA LEU A 278 -12.60 -8.92 -2.73
C LEU A 278 -13.02 -9.76 -3.94
N LEU A 279 -12.19 -10.69 -4.40
CA LEU A 279 -12.50 -11.43 -5.66
C LEU A 279 -13.78 -12.25 -5.51
N LYS A 280 -13.94 -12.91 -4.38
CA LYS A 280 -15.12 -13.79 -4.13
C LYS A 280 -16.33 -12.95 -3.71
N PHE A 281 -16.28 -11.62 -3.88
CA PHE A 281 -17.36 -10.71 -3.42
C PHE A 281 -17.97 -9.95 -4.60
N GLN A 282 -17.15 -9.37 -5.47
CA GLN A 282 -17.64 -8.50 -6.57
C GLN A 282 -17.51 -9.21 -7.92
N LEU A 283 -17.76 -10.51 -7.94
CA LEU A 283 -17.68 -11.30 -9.19
C LEU A 283 -19.09 -11.56 -9.71
N GLY A 284 -19.31 -11.23 -10.98
CA GLY A 284 -20.62 -11.47 -11.62
C GLY A 284 -21.72 -10.61 -11.04
N VAL A 285 -21.45 -9.34 -10.79
CA VAL A 285 -22.45 -8.40 -10.22
C VAL A 285 -22.37 -7.09 -10.99
N ASP A 286 -23.44 -6.30 -10.89
CA ASP A 286 -23.52 -4.96 -11.53
C ASP A 286 -23.09 -3.88 -10.55
N LYS A 287 -22.80 -4.24 -9.30
CA LYS A 287 -22.29 -3.31 -8.24
C LYS A 287 -23.36 -2.29 -7.84
N ARG A 288 -24.64 -2.56 -8.09
CA ARG A 288 -25.72 -1.65 -7.64
C ARG A 288 -26.85 -2.47 -7.04
N ASP A 289 -26.50 -3.43 -6.19
CA ASP A 289 -27.49 -4.25 -5.48
C ASP A 289 -28.08 -3.50 -4.30
N VAL A 290 -29.13 -4.05 -3.72
CA VAL A 290 -29.79 -3.46 -2.53
C VAL A 290 -28.78 -3.35 -1.38
N TRP A 291 -27.96 -4.38 -1.19
CA TRP A 291 -26.92 -4.33 -0.14
C TRP A 291 -25.95 -3.18 -0.45
N LEU A 292 -25.52 -3.07 -1.69
CA LEU A 292 -24.50 -2.08 -2.09
C LEU A 292 -25.14 -0.89 -2.80
N ASP A 293 -26.35 -0.51 -2.43
CA ASP A 293 -26.94 0.75 -2.94
C ASP A 293 -26.23 1.94 -2.29
N GLU A 294 -26.55 3.12 -2.79
CA GLU A 294 -25.95 4.36 -2.26
C GLU A 294 -26.21 4.46 -0.76
N LEU A 295 -25.15 4.72 0.01
CA LEU A 295 -25.25 4.74 1.48
C LEU A 295 -26.25 5.82 1.92
N LYS A 296 -27.09 5.46 2.87
CA LYS A 296 -28.11 6.38 3.41
C LYS A 296 -28.15 6.25 4.93
N SER A 297 -28.37 7.36 5.61
CA SER A 297 -28.52 7.40 7.09
C SER A 297 -27.32 6.73 7.74
N VAL A 298 -26.14 7.28 7.50
CA VAL A 298 -24.85 6.75 8.01
C VAL A 298 -24.57 5.42 7.31
C1 RET B . 3.88 7.39 5.98
C2 RET B . 4.67 8.43 6.78
C3 RET B . 3.93 9.67 7.03
C4 RET B . 2.68 9.33 7.82
C5 RET B . 1.87 8.24 7.19
C6 RET B . 2.40 7.33 6.34
C7 RET B . 1.53 6.30 5.75
C8 RET B . 1.87 5.31 4.87
C9 RET B . 1.02 4.33 4.33
C10 RET B . 1.53 3.36 3.43
C11 RET B . 0.88 2.31 2.78
C12 RET B . 1.50 1.41 1.91
C13 RET B . 0.93 0.33 1.21
C14 RET B . 1.73 -0.46 0.37
C15 RET B . 1.33 -1.56 -0.38
C16 RET B . 4.05 7.73 4.49
C17 RET B . 4.57 6.04 6.29
C18 RET B . 0.43 8.30 7.62
C19 RET B . -0.43 4.31 4.68
C20 RET B . -0.53 0.08 1.40
O12 PC1 C . -19.86 7.13 -12.31
P PC1 C . -18.90 6.09 -11.81
O14 PC1 C . -18.80 4.77 -12.53
O13 PC1 C . -19.21 5.79 -10.27
O11 PC1 C . -17.43 6.73 -11.75
C1 PC1 C . -17.22 8.07 -11.19
C2 PC1 C . -16.18 8.82 -11.99
O21 PC1 C . -16.77 10.07 -12.46
C21 PC1 C . -15.98 11.03 -12.98
O22 PC1 C . -15.96 11.27 -14.17
C22 PC1 C . -15.19 11.78 -11.95
C23 PC1 C . -13.73 11.96 -12.30
C24 PC1 C . -13.09 13.14 -11.60
C25 PC1 C . -11.57 13.12 -11.71
C26 PC1 C . -10.85 14.31 -11.10
C27 PC1 C . -9.36 14.08 -10.88
C28 PC1 C . -8.68 15.08 -9.95
C29 PC1 C . -7.33 14.63 -9.44
C2A PC1 C . -6.35 14.18 -10.50
C2B PC1 C . -4.91 14.04 -10.03
C2C PC1 C . -4.19 15.34 -9.82
C2D PC1 C . -2.69 15.21 -9.72
C2E PC1 C . -2.17 14.58 -8.44
C2F PC1 C . -2.12 15.51 -7.24
C3 PC1 C . -15.73 8.12 -13.25
O31 PC1 C . -15.05 6.90 -12.87
C31 PC1 C . -13.80 6.99 -12.40
O32 PC1 C . -13.50 6.77 -11.26
C32 PC1 C . -12.82 7.35 -13.49
C33 PC1 C . -11.40 7.58 -12.99
C34 PC1 C . -11.30 8.74 -12.02
C35 PC1 C . -9.91 8.87 -11.41
C36 PC1 C . -9.03 9.73 -12.24
C37 PC1 C . -7.52 9.67 -11.96
C38 PC1 C . -6.90 8.33 -11.65
C39 PC1 C . -5.48 8.42 -11.15
C3A PC1 C . -4.88 7.12 -10.65
O12 PC1 D . 21.32 17.57 -3.83
P PC1 D . 21.14 16.08 -3.99
O14 PC1 D . 21.79 15.36 -5.14
O13 PC1 D . 21.71 15.37 -2.66
O11 PC1 D . 19.58 15.69 -3.92
C1 PC1 D . 18.58 16.72 -4.19
C2 PC1 D . 17.34 16.11 -4.77
O21 PC1 D . 16.47 15.69 -3.68
C21 PC1 D . 15.18 15.40 -3.98
O22 PC1 D . 14.73 15.35 -5.12
C22 PC1 D . 14.36 15.10 -2.76
C23 PC1 D . 13.25 14.12 -3.02
C24 PC1 D . 12.03 14.77 -3.68
C25 PC1 D . 11.13 13.80 -4.39
C26 PC1 D . 9.92 14.44 -5.04
C27 PC1 D . 9.14 13.56 -5.99
C28 PC1 D . 8.22 12.56 -5.31
C29 PC1 D . 6.95 13.15 -4.75
C2A PC1 D . 5.81 13.28 -5.75
C2B PC1 D . 4.44 13.44 -5.12
C2C PC1 D . 3.30 13.57 -6.12
C2D PC1 D . 1.92 13.49 -5.52
C2E PC1 D . 0.80 13.47 -6.54
C2F PC1 D . -0.37 12.60 -6.18
C2G PC1 D . -0.52 11.34 -7.01
C2H PC1 D . -1.76 10.53 -6.74
C2I PC1 D . -1.98 9.38 -7.70
C3 PC1 D . 17.64 14.91 -5.62
O31 PC1 D . 16.76 14.95 -6.76
C31 PC1 D . 16.29 13.77 -7.21
O32 PC1 D . 16.68 12.70 -6.85
C32 PC1 D . 15.36 13.99 -8.34
C33 PC1 D . 14.23 12.98 -8.54
C34 PC1 D . 13.29 12.81 -7.36
C35 PC1 D . 12.12 11.92 -7.71
C36 PC1 D . 11.24 12.46 -8.82
C37 PC1 D . 9.97 11.67 -9.06
C38 PC1 D . 10.21 10.44 -9.90
C39 PC1 D . 9.10 9.40 -9.86
C3A PC1 D . 7.78 9.91 -10.44
C3B PC1 D . 6.90 10.73 -9.51
C3C PC1 D . 5.42 10.67 -9.88
C3D PC1 D . 4.52 11.66 -9.18
C3E PC1 D . 3.07 11.54 -9.60
C2 PC1 E . 20.31 12.80 -2.89
O21 PC1 E . 20.28 12.96 -4.31
C21 PC1 E . 21.27 12.43 -5.01
O22 PC1 E . 22.44 12.48 -4.66
C22 PC1 E . 20.75 11.81 -6.29
C23 PC1 E . 19.62 10.84 -6.08
C24 PC1 E . 19.00 10.36 -7.38
C25 PC1 E . 17.79 9.46 -7.21
C26 PC1 E . 17.01 9.23 -8.48
C27 PC1 E . 15.59 8.74 -8.28
C28 PC1 E . 14.77 8.79 -9.56
C29 PC1 E . 13.30 8.48 -9.40
C2A PC1 E . 12.94 7.02 -9.52
C2B PC1 E . 11.46 6.72 -9.49
C2C PC1 E . 11.11 5.26 -9.64
C2D PC1 E . 9.65 4.93 -9.47
C2E PC1 E . 9.26 3.53 -9.93
C2F PC1 E . 7.87 3.12 -9.50
C2G PC1 E . 7.41 1.77 -10.04
C2H PC1 E . 7.22 1.69 -11.55
C2I PC1 E . 6.13 2.59 -12.10
#